data_8VOC
#
_entry.id   8VOC
#
_cell.length_a   44.225
_cell.length_b   51.390
_cell.length_c   79.371
_cell.angle_alpha   90.00
_cell.angle_beta   91.98
_cell.angle_gamma   90.00
#
_symmetry.space_group_name_H-M   'P 1 21 1'
#
loop_
_entity.id
_entity.type
_entity.pdbx_description
1 polymer 'Cytochrome P450'
2 non-polymer '4-(trifluoromethoxy)benzoic acid'
3 non-polymer 'PROTOPORPHYRIN IX CONTAINING FE'
4 non-polymer 'CHLORIDE ION'
5 water water
#
_entity_poly.entity_id   1
_entity_poly.type   'polypeptide(L)'
_entity_poly.pdbx_seq_one_letter_code
;MISNSSAESISAPPNDSTIPHLAIDPFSLDFFDDPYPDQQTLRDAGPVVYLDKWNVYGVARYAEVHAVLNDPTTFCSSRG
VGLSDFKKEKPWRPPSLILEADPPAHTRPRAVLSKVLSPATMKTIRDGFAAAADAKVDELLQRGCIDAIADLAEAYPLSV
FPDAMGLKQEGREHLLPYAGLVFNAFGPPNELRQTAIERSAPHQAYVNEQCQRPNLAPGGFGACIHAFTDTGEITPDEAP
LLVRSLLSAGLDTTVNGIGAAVYCLARFPGELQRLRSDPTLARNAFEEAVRFESPVQTFFRTTTREVELGGAVIGEGEKV
LMFLGSANRDPRRWSDPDLYDITRKTSGHVGFGSGVHMCVGQLVARLEGEVMLSALARKVAAIDIDGPVKRRFNNTLRGL
ESLPVKLTPA
;
_entity_poly.pdbx_strand_id   A
#
loop_
_chem_comp.id
_chem_comp.type
_chem_comp.name
_chem_comp.formula
CL non-polymer 'CHLORIDE ION' 'Cl -1'
HEM non-polymer 'PROTOPORPHYRIN IX CONTAINING FE' 'C34 H32 Fe N4 O4'
M4F non-polymer '4-(trifluoromethoxy)benzoic acid' 'C8 H5 F3 O3'
#
# COMPACT_ATOMS: atom_id res chain seq x y z
N THR A 18 14.35 27.31 14.11
CA THR A 18 15.15 26.09 14.04
C THR A 18 14.55 25.11 13.03
N ILE A 19 13.24 24.92 13.08
CA ILE A 19 12.54 24.05 12.14
C ILE A 19 12.13 24.89 10.93
N PRO A 20 12.53 24.51 9.72
CA PRO A 20 12.12 25.28 8.55
C PRO A 20 10.64 25.09 8.27
N HIS A 21 9.99 26.18 7.86
CA HIS A 21 8.58 26.17 7.47
C HIS A 21 8.47 26.19 5.96
N LEU A 22 7.73 25.24 5.41
CA LEU A 22 7.54 25.14 3.97
C LEU A 22 6.06 25.22 3.63
N ALA A 23 5.78 25.78 2.44
CA ALA A 23 4.43 25.93 1.94
C ALA A 23 4.01 24.78 1.02
N ILE A 24 4.90 23.83 0.75
CA ILE A 24 4.57 22.70 -0.09
C ILE A 24 3.32 22.00 0.43
N ASP A 25 2.37 21.73 -0.47
CA ASP A 25 1.21 20.93 -0.13
C ASP A 25 1.42 19.53 -0.68
N PRO A 26 1.77 18.54 0.15
CA PRO A 26 2.02 17.19 -0.36
C PRO A 26 0.77 16.44 -0.76
N PHE A 27 -0.41 17.07 -0.66
CA PHE A 27 -1.66 16.45 -1.09
C PHE A 27 -2.31 17.22 -2.24
N SER A 28 -1.53 18.07 -2.91
CA SER A 28 -2.01 18.81 -4.07
C SER A 28 -1.83 17.99 -5.34
N LEU A 29 -2.68 18.26 -6.34
CA LEU A 29 -2.58 17.51 -7.59
C LEU A 29 -1.23 17.75 -8.27
N ASP A 30 -0.70 18.99 -8.19
CA ASP A 30 0.60 19.25 -8.78
C ASP A 30 1.68 18.38 -8.15
N PHE A 31 1.63 18.20 -6.83
CA PHE A 31 2.59 17.34 -6.14
C PHE A 31 2.43 15.89 -6.58
N PHE A 32 1.19 15.39 -6.62
CA PHE A 32 0.96 14.02 -7.06
C PHE A 32 1.49 13.81 -8.48
N ASP A 33 1.32 14.81 -9.34
CA ASP A 33 1.70 14.67 -10.74
C ASP A 33 3.20 14.43 -10.89
N ASP A 34 4.02 15.04 -10.03
CA ASP A 34 5.47 14.82 -10.06
C ASP A 34 6.03 15.17 -8.68
N PRO A 35 6.11 14.20 -7.77
CA PRO A 35 6.49 14.51 -6.39
C PRO A 35 7.96 14.65 -6.14
N TYR A 36 8.82 14.32 -7.11
CA TYR A 36 10.21 14.08 -6.76
C TYR A 36 10.99 15.36 -6.48
N PRO A 37 10.81 16.44 -7.23
CA PRO A 37 11.48 17.69 -6.84
C PRO A 37 11.07 18.16 -5.46
N ASP A 38 9.76 18.18 -5.16
CA ASP A 38 9.33 18.64 -3.84
C ASP A 38 9.80 17.70 -2.74
N GLN A 39 9.89 16.40 -3.01
CA GLN A 39 10.42 15.49 -2.00
C GLN A 39 11.88 15.76 -1.71
N GLN A 40 12.68 16.11 -2.73
CA GLN A 40 14.05 16.51 -2.44
C GLN A 40 14.08 17.80 -1.63
N THR A 41 13.24 18.77 -1.96
CA THR A 41 13.19 19.99 -1.17
C THR A 41 12.86 19.68 0.28
N LEU A 42 11.91 18.78 0.51
CA LEU A 42 11.55 18.40 1.87
C LEU A 42 12.70 17.71 2.60
N ARG A 43 13.45 16.84 1.90
CA ARG A 43 14.60 16.20 2.54
C ARG A 43 15.70 17.20 2.85
N ASP A 44 16.02 18.06 1.88
CA ASP A 44 17.19 18.92 2.01
C ASP A 44 16.94 20.13 2.89
N ALA A 45 15.68 20.45 3.20
CA ALA A 45 15.41 21.57 4.09
C ALA A 45 15.85 21.28 5.52
N GLY A 46 15.88 20.01 5.90
CA GLY A 46 16.23 19.61 7.25
C GLY A 46 15.66 18.25 7.59
N PRO A 47 16.15 17.63 8.66
CA PRO A 47 15.58 16.34 9.08
C PRO A 47 14.12 16.45 9.51
N VAL A 48 13.69 17.60 10.00
CA VAL A 48 12.31 17.82 10.41
C VAL A 48 11.86 19.16 9.84
N VAL A 49 10.71 19.16 9.15
CA VAL A 49 10.16 20.38 8.58
C VAL A 49 8.77 20.60 9.18
N TYR A 50 8.28 21.83 9.04
CA TYR A 50 6.90 22.15 9.40
C TYR A 50 6.15 22.55 8.15
N LEU A 51 5.03 21.89 7.90
CA LEU A 51 4.21 22.15 6.72
C LEU A 51 3.09 23.12 7.11
N ASP A 52 3.28 24.40 6.77
CA ASP A 52 2.32 25.44 7.15
C ASP A 52 0.94 25.20 6.55
N LYS A 53 0.85 24.50 5.42
CA LYS A 53 -0.43 24.31 4.75
C LYS A 53 -1.41 23.55 5.64
N TRP A 54 -0.91 22.59 6.41
CA TRP A 54 -1.76 21.69 7.19
C TRP A 54 -1.42 21.66 8.67
N ASN A 55 -0.45 22.47 9.13
CA ASN A 55 -0.04 22.49 10.54
C ASN A 55 0.37 21.11 11.04
N VAL A 56 1.30 20.47 10.32
CA VAL A 56 1.87 19.21 10.73
C VAL A 56 3.38 19.26 10.53
N TYR A 57 4.08 18.43 11.29
CA TYR A 57 5.50 18.20 11.06
C TYR A 57 5.67 17.16 9.97
N GLY A 58 6.78 17.25 9.26
CA GLY A 58 7.11 16.31 8.20
C GLY A 58 8.52 15.77 8.35
N VAL A 59 8.68 14.49 8.06
CA VAL A 59 10.00 13.87 7.96
C VAL A 59 10.08 13.16 6.62
N ALA A 60 11.06 13.53 5.81
CA ALA A 60 11.18 12.96 4.47
C ALA A 60 12.46 12.16 4.24
N ARG A 61 13.41 12.20 5.18
CA ARG A 61 14.62 11.39 5.06
C ARG A 61 14.40 9.99 5.60
N TYR A 62 15.19 9.04 5.07
CA TYR A 62 15.08 7.65 5.52
C TYR A 62 15.29 7.55 7.03
N ALA A 63 16.33 8.20 7.55
CA ALA A 63 16.68 8.01 8.96
C ALA A 63 15.50 8.36 9.88
N GLU A 64 14.89 9.53 9.67
CA GLU A 64 13.83 9.97 10.57
C GLU A 64 12.53 9.18 10.36
N VAL A 65 12.22 8.84 9.10
CA VAL A 65 11.05 8.00 8.85
C VAL A 65 11.20 6.67 9.57
N HIS A 66 12.36 6.04 9.43
CA HIS A 66 12.61 4.76 10.11
C HIS A 66 12.54 4.92 11.62
N ALA A 67 13.10 6.01 12.16
CA ALA A 67 13.06 6.22 13.60
C ALA A 67 11.62 6.39 14.09
N VAL A 68 10.81 7.18 13.38
CA VAL A 68 9.43 7.40 13.81
C VAL A 68 8.66 6.08 13.77
N LEU A 69 8.77 5.34 12.67
CA LEU A 69 8.06 4.08 12.56
C LEU A 69 8.39 3.14 13.71
N ASN A 70 9.63 3.18 14.20
CA ASN A 70 10.07 2.19 15.19
C ASN A 70 10.02 2.71 16.62
N ASP A 71 9.32 3.82 16.87
CA ASP A 71 9.00 4.26 18.22
C ASP A 71 7.49 4.46 18.29
N PRO A 72 6.72 3.37 18.36
CA PRO A 72 5.26 3.50 18.41
C PRO A 72 4.74 4.07 19.73
N THR A 73 5.55 4.05 20.80
CA THR A 73 5.11 4.65 22.05
C THR A 73 5.04 6.17 21.94
N THR A 74 6.09 6.77 21.38
CA THR A 74 6.13 8.22 21.24
C THR A 74 5.29 8.67 20.05
N PHE A 75 5.36 7.94 18.95
CA PHE A 75 4.66 8.31 17.71
C PHE A 75 3.54 7.28 17.51
N CYS A 76 2.39 7.55 18.11
CA CYS A 76 1.34 6.55 18.22
C CYS A 76 0.44 6.54 16.98
N SER A 77 -0.35 5.47 16.89
CA SER A 77 -1.30 5.28 15.81
C SER A 77 -2.76 5.37 16.24
N SER A 78 -3.04 5.28 17.55
CA SER A 78 -4.43 5.25 18.02
C SER A 78 -5.12 6.61 17.91
N ARG A 79 -4.40 7.70 17.67
CA ARG A 79 -5.02 8.97 17.36
C ARG A 79 -5.15 9.18 15.86
N GLY A 80 -5.02 8.12 15.08
CA GLY A 80 -5.21 8.13 13.64
C GLY A 80 -3.89 8.22 12.90
N VAL A 81 -3.85 7.56 11.73
CA VAL A 81 -2.69 7.62 10.87
C VAL A 81 -2.95 8.47 9.63
N GLY A 82 -4.08 9.17 9.60
CA GLY A 82 -4.29 10.27 8.68
C GLY A 82 -4.07 11.60 9.36
N LEU A 83 -4.45 12.67 8.66
CA LEU A 83 -4.28 14.01 9.23
C LEU A 83 -5.14 14.20 10.48
N SER A 84 -6.36 13.68 10.46
CA SER A 84 -7.29 13.91 11.55
C SER A 84 -6.78 13.27 12.85
N ASP A 85 -6.89 14.02 13.94
CA ASP A 85 -6.52 13.56 15.27
C ASP A 85 -7.78 13.06 15.95
N PHE A 86 -7.85 11.75 16.22
CA PHE A 86 -9.06 11.16 16.80
C PHE A 86 -9.36 11.73 18.18
N LYS A 87 -8.40 12.35 18.84
CA LYS A 87 -8.70 13.03 20.10
C LYS A 87 -9.42 14.35 19.89
N LYS A 88 -9.40 14.88 18.68
CA LYS A 88 -10.05 16.15 18.37
C LYS A 88 -11.30 15.99 17.50
N GLU A 89 -11.31 15.03 16.58
CA GLU A 89 -12.42 14.84 15.66
C GLU A 89 -12.90 13.39 15.71
N LYS A 90 -14.15 13.19 15.28
CA LYS A 90 -14.69 11.84 15.15
C LYS A 90 -14.06 11.16 13.94
N PRO A 91 -13.61 9.91 14.05
CA PRO A 91 -13.15 9.19 12.86
C PRO A 91 -14.31 8.99 11.88
N TRP A 92 -13.99 8.99 10.58
CA TRP A 92 -15.04 8.86 9.58
C TRP A 92 -15.71 7.49 9.60
N ARG A 93 -15.05 6.49 10.16
CA ARG A 93 -15.60 5.16 10.39
C ARG A 93 -14.99 4.66 11.70
N PRO A 94 -15.61 3.67 12.34
CA PRO A 94 -15.03 3.12 13.57
C PRO A 94 -13.57 2.77 13.36
N PRO A 95 -12.70 3.09 14.31
CA PRO A 95 -11.26 2.88 14.10
C PRO A 95 -10.91 1.42 13.81
N SER A 96 -9.95 1.24 12.91
CA SER A 96 -9.38 -0.08 12.69
C SER A 96 -8.78 -0.63 13.98
N LEU A 97 -9.07 -1.91 14.26
CA LEU A 97 -8.54 -2.56 15.46
C LEU A 97 -7.06 -2.86 15.37
N ILE A 98 -6.46 -2.68 14.21
CA ILE A 98 -5.04 -2.97 14.04
C ILE A 98 -4.26 -1.74 13.57
N LEU A 99 -4.68 -1.13 12.46
CA LEU A 99 -3.94 0.02 11.94
C LEU A 99 -4.00 1.21 12.87
N GLU A 100 -5.14 1.41 13.52
CA GLU A 100 -5.41 2.60 14.33
C GLU A 100 -5.45 2.24 15.81
N ALA A 101 -4.60 1.30 16.20
CA ALA A 101 -4.46 0.86 17.58
C ALA A 101 -2.99 0.82 17.94
N ASP A 102 -2.71 1.03 19.21
CA ASP A 102 -1.36 0.94 19.76
C ASP A 102 -1.22 -0.31 20.61
N PRO A 103 -0.01 -0.80 20.81
CA PRO A 103 0.21 -1.81 21.83
C PRO A 103 -0.23 -1.29 23.19
N PRO A 104 -0.85 -2.12 24.03
CA PRO A 104 -1.07 -3.55 23.86
C PRO A 104 -2.35 -3.94 23.11
N ALA A 105 -3.30 -3.02 22.92
CA ALA A 105 -4.54 -3.38 22.25
C ALA A 105 -4.28 -3.89 20.84
N HIS A 106 -3.22 -3.39 20.20
CA HIS A 106 -2.86 -3.80 18.85
C HIS A 106 -2.43 -5.25 18.77
N THR A 107 -1.89 -5.80 19.85
CA THR A 107 -1.04 -6.99 19.76
C THR A 107 -1.82 -8.24 19.36
N ARG A 108 -2.96 -8.49 20.00
CA ARG A 108 -3.62 -9.76 19.71
C ARG A 108 -4.35 -9.76 18.37
N PRO A 109 -5.03 -8.67 17.99
CA PRO A 109 -5.57 -8.60 16.62
C PRO A 109 -4.49 -8.73 15.56
N ARG A 110 -3.33 -8.12 15.79
CA ARG A 110 -2.21 -8.30 14.86
C ARG A 110 -1.81 -9.76 14.75
N ALA A 111 -1.73 -10.46 15.88
CA ALA A 111 -1.32 -11.86 15.84
C ALA A 111 -2.31 -12.72 15.07
N VAL A 112 -3.61 -12.42 15.20
CA VAL A 112 -4.61 -13.16 14.47
C VAL A 112 -4.45 -12.95 12.96
N LEU A 113 -4.30 -11.70 12.53
CA LEU A 113 -4.10 -11.46 11.09
C LEU A 113 -2.80 -12.08 10.60
N SER A 114 -1.77 -12.11 11.45
N SER A 114 -1.75 -12.09 11.45
CA SER A 114 -0.51 -12.74 11.05
CA SER A 114 -0.51 -12.74 11.06
C SER A 114 -0.70 -14.23 10.80
C SER A 114 -0.72 -14.22 10.79
N LYS A 115 -1.48 -14.90 11.65
CA LYS A 115 -1.72 -16.34 11.46
C LYS A 115 -2.71 -16.60 10.33
N VAL A 116 -3.63 -15.67 10.07
CA VAL A 116 -4.54 -15.84 8.94
C VAL A 116 -3.79 -15.70 7.62
N LEU A 117 -2.83 -14.78 7.56
CA LEU A 117 -2.07 -14.53 6.33
C LEU A 117 -0.65 -15.08 6.45
N SER A 118 -0.53 -16.32 6.88
CA SER A 118 0.73 -16.94 7.24
C SER A 118 1.30 -17.75 6.09
N PRO A 119 2.54 -18.25 6.23
CA PRO A 119 3.12 -19.15 5.23
C PRO A 119 2.24 -20.34 4.89
N ALA A 120 1.63 -20.98 5.89
CA ALA A 120 0.76 -22.12 5.60
C ALA A 120 -0.38 -21.71 4.68
N THR A 121 -0.98 -20.56 4.93
CA THR A 121 -2.02 -20.07 4.03
C THR A 121 -1.45 -19.85 2.63
N MET A 122 -0.27 -19.22 2.54
CA MET A 122 0.34 -18.97 1.24
C MET A 122 0.53 -20.28 0.48
N LYS A 123 0.94 -21.33 1.17
CA LYS A 123 1.09 -22.62 0.49
C LYS A 123 -0.24 -23.13 -0.03
N THR A 124 -1.35 -22.84 0.67
CA THR A 124 -2.64 -23.34 0.18
C THR A 124 -3.11 -22.57 -1.05
N ILE A 125 -2.73 -21.30 -1.20
CA ILE A 125 -3.27 -20.48 -2.29
C ILE A 125 -2.28 -20.26 -3.44
N ARG A 126 -1.01 -20.63 -3.28
CA ARG A 126 -0.01 -20.23 -4.29
C ARG A 126 -0.30 -20.82 -5.66
N ASP A 127 -0.67 -22.10 -5.71
CA ASP A 127 -0.87 -22.72 -7.02
C ASP A 127 -1.99 -22.03 -7.79
N GLY A 128 -3.09 -21.70 -7.10
CA GLY A 128 -4.19 -21.03 -7.77
C GLY A 128 -3.84 -19.60 -8.17
N PHE A 129 -3.08 -18.90 -7.32
CA PHE A 129 -2.67 -17.54 -7.66
C PHE A 129 -1.76 -17.54 -8.88
N ALA A 130 -0.84 -18.50 -8.96
CA ALA A 130 0.07 -18.58 -10.09
C ALA A 130 -0.67 -18.95 -11.37
N ALA A 131 -1.56 -19.93 -11.30
CA ALA A 131 -2.34 -20.30 -12.49
C ALA A 131 -3.13 -19.11 -13.00
N ALA A 132 -3.73 -18.33 -12.10
CA ALA A 132 -4.50 -17.16 -12.54
C ALA A 132 -3.61 -16.10 -13.17
N ALA A 133 -2.38 -15.95 -12.68
CA ALA A 133 -1.45 -14.99 -13.27
C ALA A 133 -1.04 -15.43 -14.66
N ASP A 134 -0.66 -16.70 -14.82
CA ASP A 134 -0.31 -17.23 -16.14
C ASP A 134 -1.48 -17.09 -17.11
N ALA A 135 -2.68 -17.44 -16.65
CA ALA A 135 -3.86 -17.34 -17.52
C ALA A 135 -4.10 -15.92 -17.97
N LYS A 136 -3.96 -14.95 -17.06
CA LYS A 136 -4.21 -13.56 -17.42
C LYS A 136 -3.21 -13.09 -18.48
N VAL A 137 -1.92 -13.41 -18.31
CA VAL A 137 -0.93 -12.97 -19.28
C VAL A 137 -1.18 -13.63 -20.64
N ASP A 138 -1.55 -14.91 -20.64
CA ASP A 138 -1.91 -15.57 -21.90
C ASP A 138 -3.07 -14.85 -22.57
N GLU A 139 -4.10 -14.51 -21.78
CA GLU A 139 -5.25 -13.79 -22.31
C GLU A 139 -4.83 -12.45 -22.91
N LEU A 140 -4.02 -11.70 -22.17
CA LEU A 140 -3.60 -10.39 -22.66
C LEU A 140 -2.76 -10.50 -23.93
N LEU A 141 -1.95 -11.55 -24.03
CA LEU A 141 -1.14 -11.73 -25.24
C LEU A 141 -2.00 -11.97 -26.47
N GLN A 142 -3.20 -12.55 -26.29
CA GLN A 142 -4.10 -12.72 -27.42
C GLN A 142 -4.63 -11.38 -27.91
N ARG A 143 -4.76 -10.40 -27.02
CA ARG A 143 -5.22 -9.07 -27.41
C ARG A 143 -4.08 -8.19 -27.90
N GLY A 144 -2.87 -8.37 -27.36
CA GLY A 144 -1.71 -7.63 -27.81
C GLY A 144 -1.59 -6.25 -27.20
N CYS A 145 -2.51 -5.36 -27.57
CA CYS A 145 -2.55 -4.01 -27.04
C CYS A 145 -3.62 -3.95 -25.96
N ILE A 146 -3.20 -3.64 -24.73
CA ILE A 146 -4.06 -3.69 -23.57
C ILE A 146 -3.75 -2.50 -22.67
N ASP A 147 -4.62 -2.27 -21.70
CA ASP A 147 -4.38 -1.27 -20.66
C ASP A 147 -3.84 -2.00 -19.44
N ALA A 148 -2.57 -1.74 -19.11
CA ALA A 148 -1.93 -2.48 -18.03
C ALA A 148 -2.51 -2.18 -16.66
N ILE A 149 -3.36 -1.17 -16.54
CA ILE A 149 -4.04 -0.92 -15.28
C ILE A 149 -5.33 -1.75 -15.27
N ALA A 150 -6.35 -1.30 -15.99
CA ALA A 150 -7.63 -2.01 -15.95
C ALA A 150 -7.48 -3.48 -16.27
N ASP A 151 -6.68 -3.83 -17.28
CA ASP A 151 -6.68 -5.18 -17.79
C ASP A 151 -5.69 -6.09 -17.09
N LEU A 152 -4.83 -5.56 -16.21
CA LEU A 152 -3.78 -6.38 -15.60
C LEU A 152 -3.64 -6.05 -14.11
N ALA A 153 -3.23 -4.82 -13.80
CA ALA A 153 -3.01 -4.44 -12.41
C ALA A 153 -4.31 -4.52 -11.60
N GLU A 154 -5.43 -4.15 -12.21
CA GLU A 154 -6.72 -4.32 -11.56
C GLU A 154 -7.31 -5.70 -11.78
N ALA A 155 -7.30 -6.18 -13.03
CA ALA A 155 -7.99 -7.43 -13.35
C ALA A 155 -7.40 -8.61 -12.58
N TYR A 156 -6.07 -8.69 -12.46
CA TYR A 156 -5.51 -9.87 -11.82
C TYR A 156 -5.85 -9.93 -10.33
N PRO A 157 -5.59 -8.90 -9.51
CA PRO A 157 -6.02 -8.99 -8.11
C PRO A 157 -7.51 -9.23 -7.95
N LEU A 158 -8.34 -8.62 -8.82
CA LEU A 158 -9.78 -8.89 -8.75
C LEU A 158 -10.08 -10.35 -9.01
N SER A 159 -9.23 -11.04 -9.78
CA SER A 159 -9.50 -12.43 -10.13
C SER A 159 -9.09 -13.42 -9.04
N VAL A 160 -8.31 -13.00 -8.03
CA VAL A 160 -7.83 -13.92 -7.00
C VAL A 160 -8.22 -13.48 -5.59
N PHE A 161 -8.20 -12.16 -5.30
CA PHE A 161 -8.27 -11.77 -3.90
C PHE A 161 -9.69 -11.86 -3.33
N PRO A 162 -10.71 -11.32 -4.01
CA PRO A 162 -12.08 -11.52 -3.50
C PRO A 162 -12.42 -12.98 -3.27
N ASP A 163 -12.02 -13.87 -4.18
CA ASP A 163 -12.25 -15.29 -3.96
C ASP A 163 -11.47 -15.79 -2.74
N ALA A 164 -10.22 -15.36 -2.59
CA ALA A 164 -9.44 -15.78 -1.42
C ALA A 164 -10.05 -15.28 -0.13
N MET A 165 -10.73 -14.12 -0.15
CA MET A 165 -11.44 -13.62 1.02
C MET A 165 -12.66 -14.48 1.34
N GLY A 166 -13.23 -15.14 0.33
CA GLY A 166 -14.51 -15.82 0.50
C GLY A 166 -15.72 -14.98 0.21
N LEU A 167 -15.58 -13.91 -0.56
CA LEU A 167 -16.70 -13.04 -0.90
C LEU A 167 -17.59 -13.67 -1.96
N LYS A 168 -18.88 -13.39 -1.85
CA LYS A 168 -19.79 -13.71 -2.95
C LYS A 168 -19.43 -12.87 -4.18
N GLN A 169 -20.00 -13.25 -5.32
CA GLN A 169 -19.75 -12.52 -6.56
C GLN A 169 -20.45 -11.17 -6.56
N GLU A 170 -21.71 -11.12 -6.13
CA GLU A 170 -22.49 -9.89 -6.22
C GLU A 170 -21.86 -8.79 -5.38
N GLY A 171 -21.74 -7.60 -5.97
CA GLY A 171 -21.32 -6.42 -5.25
C GLY A 171 -19.84 -6.16 -5.23
N ARG A 172 -19.03 -7.02 -5.85
CA ARG A 172 -17.58 -6.81 -5.80
C ARG A 172 -17.17 -5.48 -6.44
N GLU A 173 -18.03 -4.89 -7.27
CA GLU A 173 -17.72 -3.59 -7.85
C GLU A 173 -17.56 -2.50 -6.80
N HIS A 174 -17.98 -2.75 -5.55
CA HIS A 174 -17.79 -1.79 -4.47
C HIS A 174 -16.38 -1.79 -3.89
N LEU A 175 -15.55 -2.80 -4.18
CA LEU A 175 -14.32 -2.98 -3.44
C LEU A 175 -13.30 -1.90 -3.76
N LEU A 176 -13.07 -1.63 -5.04
CA LEU A 176 -12.08 -0.62 -5.38
C LEU A 176 -12.56 0.78 -4.97
N PRO A 177 -13.84 1.11 -5.20
CA PRO A 177 -14.34 2.41 -4.69
C PRO A 177 -14.18 2.55 -3.19
N TYR A 178 -14.47 1.49 -2.43
CA TYR A 178 -14.30 1.58 -0.98
C TYR A 178 -12.84 1.82 -0.61
N ALA A 179 -11.92 1.10 -1.26
CA ALA A 179 -10.50 1.29 -0.96
C ALA A 179 -10.06 2.70 -1.33
N GLY A 180 -10.49 3.21 -2.48
CA GLY A 180 -10.12 4.57 -2.83
C GLY A 180 -10.56 5.57 -1.78
N LEU A 181 -11.76 5.35 -1.23
CA LEU A 181 -12.28 6.16 -0.14
C LEU A 181 -11.39 6.07 1.09
N VAL A 182 -11.06 4.84 1.51
CA VAL A 182 -10.22 4.66 2.70
C VAL A 182 -8.91 5.42 2.56
N PHE A 183 -8.26 5.28 1.40
CA PHE A 183 -6.96 5.90 1.24
C PHE A 183 -7.06 7.41 1.03
N ASN A 184 -8.14 7.89 0.38
CA ASN A 184 -8.34 9.34 0.35
C ASN A 184 -8.63 9.90 1.74
N ALA A 185 -9.28 9.11 2.60
CA ALA A 185 -9.70 9.60 3.92
C ALA A 185 -8.53 9.78 4.89
N PHE A 186 -7.37 9.17 4.63
CA PHE A 186 -6.21 9.49 5.46
C PHE A 186 -5.71 10.90 5.20
N GLY A 187 -6.08 11.51 4.07
CA GLY A 187 -5.55 12.80 3.71
C GLY A 187 -6.21 13.92 4.47
N PRO A 188 -5.79 15.14 4.16
CA PRO A 188 -6.43 16.33 4.74
C PRO A 188 -7.82 16.52 4.15
N PRO A 189 -8.62 17.41 4.72
CA PRO A 189 -9.98 17.64 4.20
C PRO A 189 -9.99 18.48 2.94
N ASN A 190 -9.30 17.98 1.91
CA ASN A 190 -9.32 18.62 0.60
C ASN A 190 -10.46 18.03 -0.23
N GLU A 191 -10.55 18.45 -1.50
CA GLU A 191 -11.68 18.02 -2.32
C GLU A 191 -11.66 16.52 -2.57
N LEU A 192 -10.47 15.94 -2.77
CA LEU A 192 -10.39 14.49 -2.94
C LEU A 192 -11.03 13.75 -1.77
N ARG A 193 -10.75 14.19 -0.54
CA ARG A 193 -11.32 13.52 0.62
C ARG A 193 -12.80 13.83 0.76
N GLN A 194 -13.18 15.09 0.62
CA GLN A 194 -14.58 15.46 0.82
C GLN A 194 -15.48 14.76 -0.19
N THR A 195 -15.04 14.69 -1.45
CA THR A 195 -15.83 14.02 -2.47
C THR A 195 -15.95 12.52 -2.21
N ALA A 196 -14.85 11.88 -1.78
CA ALA A 196 -14.91 10.46 -1.46
C ALA A 196 -15.94 10.18 -0.38
N ILE A 197 -15.90 10.96 0.70
CA ILE A 197 -16.82 10.70 1.80
C ILE A 197 -18.25 10.94 1.37
N GLU A 198 -18.49 11.96 0.53
CA GLU A 198 -19.84 12.23 0.04
C GLU A 198 -20.46 11.02 -0.65
N ARG A 199 -19.64 10.22 -1.32
CA ARG A 199 -20.12 9.09 -2.12
C ARG A 199 -20.02 7.76 -1.40
N SER A 200 -19.68 7.77 -0.11
CA SER A 200 -19.22 6.56 0.57
C SER A 200 -20.34 5.62 0.99
N ALA A 201 -21.56 6.12 1.21
CA ALA A 201 -22.59 5.32 1.88
C ALA A 201 -22.81 3.95 1.27
N PRO A 202 -23.02 3.81 -0.05
CA PRO A 202 -23.26 2.47 -0.60
C PRO A 202 -22.08 1.53 -0.46
N HIS A 203 -20.85 2.05 -0.53
CA HIS A 203 -19.67 1.19 -0.42
C HIS A 203 -19.47 0.72 1.01
N GLN A 204 -19.67 1.61 1.99
CA GLN A 204 -19.60 1.20 3.38
C GLN A 204 -20.64 0.13 3.69
N ALA A 205 -21.87 0.32 3.19
CA ALA A 205 -22.94 -0.63 3.46
C ALA A 205 -22.56 -2.02 2.95
N TYR A 206 -22.07 -2.09 1.70
CA TYR A 206 -21.67 -3.38 1.16
C TYR A 206 -20.55 -4.00 1.98
N VAL A 207 -19.50 -3.22 2.25
CA VAL A 207 -18.32 -3.79 2.90
C VAL A 207 -18.67 -4.26 4.30
N ASN A 208 -19.38 -3.43 5.07
CA ASN A 208 -19.73 -3.83 6.43
C ASN A 208 -20.55 -5.11 6.43
N GLU A 209 -21.47 -5.26 5.48
CA GLU A 209 -22.29 -6.47 5.44
C GLU A 209 -21.46 -7.71 5.13
N GLN A 210 -20.49 -7.61 4.23
CA GLN A 210 -19.69 -8.78 3.89
C GLN A 210 -18.79 -9.21 5.03
N CYS A 211 -18.62 -8.39 6.07
CA CYS A 211 -17.76 -8.73 7.18
C CYS A 211 -18.39 -9.70 8.17
N GLN A 212 -19.70 -9.93 8.06
CA GLN A 212 -20.40 -10.82 8.98
C GLN A 212 -20.12 -12.28 8.63
N ARG A 213 -19.98 -13.11 9.66
CA ARG A 213 -19.55 -14.49 9.46
C ARG A 213 -20.34 -15.26 8.41
N PRO A 214 -21.67 -15.19 8.36
CA PRO A 214 -22.40 -16.03 7.38
C PRO A 214 -22.11 -15.66 5.94
N ASN A 215 -21.51 -14.51 5.68
CA ASN A 215 -21.31 -14.02 4.32
C ASN A 215 -19.91 -14.30 3.78
N LEU A 216 -19.13 -15.10 4.49
CA LEU A 216 -17.75 -15.38 4.11
C LEU A 216 -17.58 -16.87 3.91
N ALA A 217 -17.19 -17.27 2.70
CA ALA A 217 -17.22 -18.67 2.31
C ALA A 217 -16.18 -19.50 3.06
N PRO A 218 -16.47 -20.79 3.28
CA PRO A 218 -15.54 -21.63 4.04
C PRO A 218 -14.12 -21.60 3.50
N GLY A 219 -13.16 -21.61 4.41
CA GLY A 219 -11.76 -21.72 4.05
C GLY A 219 -11.09 -20.44 3.58
N GLY A 220 -11.84 -19.36 3.37
CA GLY A 220 -11.26 -18.10 2.95
C GLY A 220 -10.70 -17.30 4.12
N PHE A 221 -10.06 -16.18 3.80
CA PHE A 221 -9.45 -15.36 4.83
C PHE A 221 -10.49 -14.89 5.84
N GLY A 222 -11.67 -14.49 5.36
CA GLY A 222 -12.69 -13.96 6.26
C GLY A 222 -13.19 -15.01 7.24
N ALA A 223 -13.49 -16.20 6.74
CA ALA A 223 -13.94 -17.28 7.62
C ALA A 223 -12.84 -17.63 8.63
N CYS A 224 -11.58 -17.60 8.20
CA CYS A 224 -10.49 -17.92 9.12
CA CYS A 224 -10.51 -17.94 9.12
C CYS A 224 -10.38 -16.91 10.24
N ILE A 225 -10.62 -15.63 9.95
CA ILE A 225 -10.62 -14.63 11.02
C ILE A 225 -11.70 -14.96 12.04
N HIS A 226 -12.91 -15.24 11.56
CA HIS A 226 -14.00 -15.57 12.49
C HIS A 226 -13.70 -16.85 13.26
N ALA A 227 -12.99 -17.79 12.65
CA ALA A 227 -12.67 -19.03 13.36
C ALA A 227 -11.69 -18.80 14.49
N PHE A 228 -10.93 -17.71 14.47
CA PHE A 228 -9.98 -17.40 15.53
C PHE A 228 -10.63 -16.75 16.74
N THR A 229 -11.95 -16.63 16.76
CA THR A 229 -12.64 -15.92 17.83
C THR A 229 -12.91 -16.79 19.04
N ASP A 230 -12.32 -17.98 19.14
CA ASP A 230 -12.52 -18.83 20.30
C ASP A 230 -11.22 -19.21 20.98
N THR A 231 -10.11 -18.56 20.62
CA THR A 231 -8.82 -18.83 21.23
C THR A 231 -8.49 -17.90 22.38
N GLY A 232 -9.28 -16.85 22.61
CA GLY A 232 -8.91 -15.84 23.58
C GLY A 232 -8.07 -14.72 23.03
N GLU A 233 -7.81 -14.72 21.72
CA GLU A 233 -7.06 -13.62 21.12
C GLU A 233 -7.98 -12.50 20.66
N ILE A 234 -9.10 -12.83 20.02
CA ILE A 234 -10.13 -11.87 19.68
C ILE A 234 -11.48 -12.46 20.07
N THR A 235 -12.44 -11.57 20.31
CA THR A 235 -13.80 -12.04 20.54
C THR A 235 -14.59 -11.99 19.25
N PRO A 236 -15.73 -12.67 19.21
CA PRO A 236 -16.54 -12.65 17.98
C PRO A 236 -16.88 -11.25 17.48
N ASP A 237 -17.08 -10.28 18.37
CA ASP A 237 -17.44 -8.93 17.93
C ASP A 237 -16.27 -8.15 17.36
N GLU A 238 -15.04 -8.66 17.48
CA GLU A 238 -13.88 -8.05 16.83
C GLU A 238 -13.68 -8.56 15.41
N ALA A 239 -14.20 -9.73 15.06
CA ALA A 239 -13.90 -10.32 13.77
C ALA A 239 -14.42 -9.47 12.61
N PRO A 240 -15.64 -8.91 12.63
CA PRO A 240 -16.07 -8.12 11.46
C PRO A 240 -15.12 -6.98 11.14
N LEU A 241 -14.63 -6.22 12.13
CA LEU A 241 -13.73 -5.12 11.82
C LEU A 241 -12.39 -5.61 11.31
N LEU A 242 -11.96 -6.81 11.71
CA LEU A 242 -10.70 -7.34 11.17
C LEU A 242 -10.87 -7.81 9.73
N VAL A 243 -12.03 -8.38 9.39
CA VAL A 243 -12.34 -8.60 7.98
C VAL A 243 -12.34 -7.27 7.24
N ARG A 244 -12.90 -6.23 7.87
CA ARG A 244 -12.92 -4.92 7.23
C ARG A 244 -11.51 -4.44 6.90
N SER A 245 -10.55 -4.73 7.78
CA SER A 245 -9.16 -4.35 7.49
C SER A 245 -8.66 -4.97 6.20
N LEU A 246 -8.96 -6.26 5.97
CA LEU A 246 -8.50 -6.91 4.75
C LEU A 246 -9.24 -6.40 3.52
N LEU A 247 -10.53 -6.09 3.66
CA LEU A 247 -11.28 -5.51 2.55
C LEU A 247 -10.91 -4.05 2.29
N SER A 248 -10.30 -3.37 3.27
CA SER A 248 -9.81 -2.01 3.07
C SER A 248 -8.44 -2.01 2.41
N ALA A 249 -7.52 -2.83 2.90
CA ALA A 249 -6.11 -2.76 2.54
C ALA A 249 -5.66 -3.83 1.55
N GLY A 250 -6.46 -4.87 1.33
CA GLY A 250 -5.93 -6.05 0.65
C GLY A 250 -5.96 -6.03 -0.86
N LEU A 251 -6.70 -5.11 -1.48
CA LEU A 251 -6.89 -5.13 -2.92
C LEU A 251 -6.21 -3.95 -3.61
N ASP A 252 -6.57 -2.71 -3.25
CA ASP A 252 -6.08 -1.55 -3.97
C ASP A 252 -4.57 -1.39 -3.81
N THR A 253 -4.02 -1.83 -2.68
CA THR A 253 -2.56 -1.83 -2.52
C THR A 253 -1.90 -2.67 -3.59
N THR A 254 -2.37 -3.90 -3.78
CA THR A 254 -1.75 -4.80 -4.74
C THR A 254 -1.96 -4.31 -6.17
N VAL A 255 -3.10 -3.68 -6.46
CA VAL A 255 -3.32 -3.06 -7.75
C VAL A 255 -2.21 -2.09 -8.07
N ASN A 256 -1.90 -1.21 -7.11
CA ASN A 256 -0.87 -0.19 -7.35
C ASN A 256 0.55 -0.74 -7.20
N GLY A 257 0.73 -1.83 -6.45
CA GLY A 257 2.03 -2.49 -6.45
C GLY A 257 2.33 -3.16 -7.78
N ILE A 258 1.37 -3.94 -8.29
CA ILE A 258 1.58 -4.60 -9.59
C ILE A 258 1.64 -3.57 -10.70
N GLY A 259 0.78 -2.56 -10.66
CA GLY A 259 0.87 -1.49 -11.64
C GLY A 259 2.23 -0.81 -11.63
N ALA A 260 2.78 -0.56 -10.44
CA ALA A 260 4.11 0.03 -10.35
C ALA A 260 5.14 -0.87 -11.03
N ALA A 261 5.09 -2.16 -10.74
CA ALA A 261 6.08 -3.09 -11.31
C ALA A 261 5.98 -3.11 -12.83
N VAL A 262 4.76 -3.17 -13.38
CA VAL A 262 4.63 -3.19 -14.84
C VAL A 262 5.08 -1.87 -15.43
N TYR A 263 4.76 -0.76 -14.77
CA TYR A 263 5.21 0.54 -15.25
C TYR A 263 6.74 0.63 -15.24
N CYS A 264 7.37 0.06 -14.21
CA CYS A 264 8.83 0.04 -14.18
C CYS A 264 9.39 -0.79 -15.32
N LEU A 265 8.84 -1.98 -15.56
CA LEU A 265 9.36 -2.82 -16.63
C LEU A 265 9.12 -2.20 -18.00
N ALA A 266 8.02 -1.45 -18.14
CA ALA A 266 7.73 -0.79 -19.42
C ALA A 266 8.71 0.35 -19.70
N ARG A 267 9.13 1.06 -18.65
CA ARG A 267 10.04 2.18 -18.84
C ARG A 267 11.50 1.75 -18.93
N PHE A 268 11.85 0.61 -18.33
CA PHE A 268 13.23 0.17 -18.20
C PHE A 268 13.38 -1.19 -18.86
N PRO A 269 13.40 -1.23 -20.20
CA PRO A 269 13.44 -2.52 -20.90
C PRO A 269 14.66 -3.35 -20.57
N GLY A 270 15.79 -2.73 -20.22
CA GLY A 270 16.95 -3.51 -19.81
C GLY A 270 16.68 -4.37 -18.61
N GLU A 271 15.85 -3.90 -17.69
CA GLU A 271 15.49 -4.70 -16.52
C GLU A 271 14.48 -5.78 -16.86
N LEU A 272 13.57 -5.52 -17.80
CA LEU A 272 12.72 -6.61 -18.29
C LEU A 272 13.58 -7.70 -18.90
N GLN A 273 14.63 -7.33 -19.63
CA GLN A 273 15.48 -8.33 -20.26
CA GLN A 273 15.48 -8.33 -20.26
C GLN A 273 16.24 -9.14 -19.22
N ARG A 274 16.69 -8.51 -18.15
CA ARG A 274 17.35 -9.28 -17.09
C ARG A 274 16.34 -10.20 -16.41
N LEU A 275 15.12 -9.72 -16.19
CA LEU A 275 14.09 -10.56 -15.57
C LEU A 275 13.75 -11.77 -16.45
N ARG A 276 13.63 -11.56 -17.77
CA ARG A 276 13.39 -12.69 -18.66
C ARG A 276 14.48 -13.73 -18.55
N SER A 277 15.73 -13.28 -18.42
CA SER A 277 16.84 -14.22 -18.41
C SER A 277 16.94 -15.00 -17.11
N ASP A 278 16.32 -14.51 -16.04
CA ASP A 278 16.29 -15.24 -14.77
C ASP A 278 14.97 -14.95 -14.07
N PRO A 279 13.93 -15.70 -14.37
CA PRO A 279 12.62 -15.47 -13.73
C PRO A 279 12.62 -15.60 -12.23
N THR A 280 13.67 -16.18 -11.63
CA THR A 280 13.69 -16.23 -10.17
C THR A 280 13.97 -14.86 -9.55
N LEU A 281 14.28 -13.86 -10.36
CA LEU A 281 14.37 -12.49 -9.88
C LEU A 281 13.01 -11.82 -9.72
N ALA A 282 11.92 -12.54 -10.03
CA ALA A 282 10.58 -11.93 -10.00
C ALA A 282 10.27 -11.32 -8.64
N ARG A 283 10.55 -12.04 -7.56
CA ARG A 283 10.19 -11.54 -6.23
C ARG A 283 10.94 -10.25 -5.92
N ASN A 284 12.24 -10.19 -6.21
CA ASN A 284 12.98 -8.97 -5.91
C ASN A 284 12.66 -7.85 -6.91
N ALA A 285 12.31 -8.19 -8.14
CA ALA A 285 11.86 -7.16 -9.07
C ALA A 285 10.59 -6.49 -8.57
N PHE A 286 9.70 -7.26 -7.96
CA PHE A 286 8.50 -6.67 -7.36
C PHE A 286 8.85 -5.83 -6.14
N GLU A 287 9.72 -6.35 -5.27
CA GLU A 287 10.12 -5.59 -4.09
C GLU A 287 10.75 -4.26 -4.49
N GLU A 288 11.61 -4.28 -5.51
CA GLU A 288 12.23 -3.05 -5.97
C GLU A 288 11.20 -2.08 -6.54
N ALA A 289 10.15 -2.60 -7.20
CA ALA A 289 9.10 -1.72 -7.70
C ALA A 289 8.36 -1.07 -6.55
N VAL A 290 8.17 -1.79 -5.44
CA VAL A 290 7.52 -1.21 -4.26
C VAL A 290 8.37 -0.09 -3.69
N ARG A 291 9.69 -0.29 -3.62
CA ARG A 291 10.57 0.80 -3.19
C ARG A 291 10.52 1.96 -4.17
N PHE A 292 10.68 1.66 -5.46
CA PHE A 292 10.87 2.69 -6.47
C PHE A 292 9.65 3.59 -6.60
N GLU A 293 8.45 3.00 -6.66
CA GLU A 293 7.25 3.83 -6.77
C GLU A 293 6.63 4.14 -5.41
N SER A 294 6.79 3.27 -4.43
CA SER A 294 6.16 3.43 -3.11
C SER A 294 4.66 3.71 -3.27
N PRO A 295 3.90 2.70 -3.72
CA PRO A 295 2.46 2.91 -3.96
C PRO A 295 1.71 3.46 -2.76
N VAL A 296 2.08 3.06 -1.55
CA VAL A 296 1.56 3.68 -0.34
C VAL A 296 2.58 4.76 0.04
N GLN A 297 2.20 6.02 -0.16
CA GLN A 297 3.16 7.12 -0.14
C GLN A 297 3.44 7.64 1.27
N THR A 298 2.43 7.67 2.12
CA THR A 298 2.47 8.48 3.34
C THR A 298 1.60 7.83 4.42
N PHE A 299 2.02 8.02 5.66
CA PHE A 299 1.17 7.83 6.82
C PHE A 299 1.57 8.84 7.88
N PHE A 300 0.65 9.14 8.79
CA PHE A 300 0.90 10.02 9.92
C PHE A 300 1.07 9.22 11.21
N ARG A 301 1.71 9.86 12.19
CA ARG A 301 1.67 9.47 13.59
C ARG A 301 1.30 10.70 14.42
N THR A 302 1.00 10.48 15.69
CA THR A 302 0.72 11.58 16.62
C THR A 302 1.62 11.43 17.84
N THR A 303 2.30 12.51 18.22
CA THR A 303 3.20 12.43 19.38
C THR A 303 2.40 12.32 20.67
N THR A 304 2.88 11.47 21.58
CA THR A 304 2.25 11.30 22.88
C THR A 304 2.99 12.06 23.98
N ARG A 305 4.12 12.68 23.65
CA ARG A 305 4.90 13.49 24.57
C ARG A 305 5.74 14.45 23.75
N GLU A 306 6.33 15.43 24.42
CA GLU A 306 7.38 16.21 23.80
C GLU A 306 8.56 15.28 23.47
N VAL A 307 9.17 15.50 22.31
CA VAL A 307 10.19 14.57 21.81
C VAL A 307 11.19 15.33 20.97
N GLU A 308 12.46 14.91 21.07
CA GLU A 308 13.51 15.40 20.20
C GLU A 308 13.69 14.44 19.04
N LEU A 309 13.62 14.97 17.81
CA LEU A 309 13.77 14.18 16.60
C LEU A 309 14.59 15.01 15.61
N GLY A 310 15.77 14.50 15.26
CA GLY A 310 16.67 15.21 14.36
C GLY A 310 16.89 16.66 14.76
N GLY A 311 17.26 16.88 16.02
CA GLY A 311 17.54 18.23 16.51
C GLY A 311 16.33 19.10 16.74
N ALA A 312 15.13 18.65 16.38
CA ALA A 312 13.92 19.40 16.57
C ALA A 312 13.21 18.95 17.83
N VAL A 313 12.55 19.88 18.51
CA VAL A 313 11.70 19.58 19.65
C VAL A 313 10.26 19.66 19.17
N ILE A 314 9.58 18.51 19.14
CA ILE A 314 8.17 18.43 18.76
C ILE A 314 7.35 18.27 20.02
N GLY A 315 6.33 19.10 20.17
CA GLY A 315 5.47 19.03 21.34
C GLY A 315 4.54 17.83 21.31
N GLU A 316 3.83 17.64 22.43
CA GLU A 316 2.85 16.58 22.56
C GLU A 316 1.64 16.86 21.66
N GLY A 317 1.02 15.78 21.19
CA GLY A 317 -0.22 15.91 20.46
C GLY A 317 -0.08 16.52 19.09
N GLU A 318 1.08 16.35 18.45
CA GLU A 318 1.37 16.91 17.14
C GLU A 318 1.33 15.80 16.10
N LYS A 319 0.81 16.12 14.92
CA LYS A 319 0.83 15.17 13.81
C LYS A 319 2.18 15.23 13.11
N VAL A 320 2.71 14.05 12.79
CA VAL A 320 3.97 13.90 12.08
C VAL A 320 3.70 13.11 10.81
N LEU A 321 3.97 13.72 9.65
CA LEU A 321 3.76 13.08 8.36
C LEU A 321 5.04 12.41 7.91
N MET A 322 4.97 11.10 7.67
CA MET A 322 6.09 10.31 7.17
C MET A 322 5.98 10.15 5.67
N PHE A 323 7.02 10.59 4.95
CA PHE A 323 7.06 10.42 3.49
C PHE A 323 7.81 9.12 3.18
N LEU A 324 7.04 8.02 3.09
CA LEU A 324 7.66 6.72 2.82
C LEU A 324 8.33 6.68 1.46
N GLY A 325 7.68 7.25 0.45
CA GLY A 325 8.27 7.23 -0.89
C GLY A 325 9.54 8.04 -0.96
N SER A 326 9.58 9.17 -0.24
CA SER A 326 10.80 9.97 -0.18
C SER A 326 11.91 9.23 0.56
N ALA A 327 11.59 8.60 1.68
CA ALA A 327 12.56 7.78 2.40
C ALA A 327 13.16 6.71 1.49
N ASN A 328 12.34 6.14 0.61
CA ASN A 328 12.79 5.11 -0.31
C ASN A 328 13.59 5.64 -1.48
N ARG A 329 13.74 6.97 -1.62
N ARG A 329 13.71 6.98 -1.62
CA ARG A 329 14.59 7.55 -2.64
CA ARG A 329 14.54 7.60 -2.65
C ARG A 329 15.66 8.45 -2.04
C ARG A 329 15.66 8.44 -2.05
N ASP A 330 15.87 8.38 -0.74
CA ASP A 330 16.84 9.24 -0.06
C ASP A 330 18.25 8.83 -0.43
N PRO A 331 19.04 9.71 -1.06
CA PRO A 331 20.42 9.34 -1.41
C PRO A 331 21.31 9.16 -0.19
N ARG A 332 20.90 9.63 0.99
CA ARG A 332 21.64 9.35 2.21
C ARG A 332 21.61 7.87 2.56
N ARG A 333 20.62 7.13 2.05
CA ARG A 333 20.46 5.72 2.34
C ARG A 333 20.69 4.82 1.12
N TRP A 334 20.32 5.28 -0.07
CA TRP A 334 20.32 4.43 -1.26
C TRP A 334 21.32 4.92 -2.30
N SER A 335 22.00 3.98 -2.94
N SER A 335 22.01 3.98 -2.93
CA SER A 335 22.83 4.30 -4.10
CA SER A 335 22.83 4.30 -4.10
C SER A 335 21.96 4.34 -5.34
C SER A 335 21.95 4.34 -5.33
N ASP A 336 22.09 5.41 -6.12
CA ASP A 336 21.29 5.60 -7.33
C ASP A 336 19.82 5.36 -7.03
N PRO A 337 19.24 6.11 -6.10
CA PRO A 337 17.86 5.80 -5.68
C PRO A 337 16.84 5.92 -6.79
N ASP A 338 17.11 6.73 -7.80
CA ASP A 338 16.15 6.97 -8.88
C ASP A 338 16.31 5.99 -10.02
N LEU A 339 17.08 4.92 -9.83
CA LEU A 339 17.19 3.85 -10.80
C LEU A 339 16.40 2.63 -10.33
N TYR A 340 15.73 1.98 -11.28
CA TYR A 340 15.04 0.71 -11.03
C TYR A 340 16.04 -0.41 -11.29
N ASP A 341 16.36 -1.18 -10.24
CA ASP A 341 17.43 -2.18 -10.30
C ASP A 341 16.92 -3.46 -9.64
N ILE A 342 16.57 -4.47 -10.45
CA ILE A 342 15.91 -5.64 -9.90
C ILE A 342 16.82 -6.56 -9.12
N THR A 343 18.14 -6.32 -9.13
CA THR A 343 19.04 -7.05 -8.24
C THR A 343 19.51 -6.19 -7.06
N ARG A 344 18.92 -5.03 -6.85
CA ARG A 344 19.25 -4.20 -5.69
C ARG A 344 18.99 -4.97 -4.40
N LYS A 345 19.83 -4.73 -3.40
CA LYS A 345 19.55 -5.18 -2.04
C LYS A 345 18.49 -4.25 -1.47
N THR A 346 17.23 -4.70 -1.51
CA THR A 346 16.10 -3.86 -1.15
C THR A 346 15.73 -3.93 0.32
N SER A 347 16.35 -4.82 1.08
N SER A 347 16.34 -4.82 1.09
CA SER A 347 16.02 -4.96 2.50
CA SER A 347 15.98 -4.97 2.49
C SER A 347 16.17 -3.63 3.21
C SER A 347 16.17 -3.65 3.23
N GLY A 348 15.16 -3.26 3.98
CA GLY A 348 15.18 -2.00 4.71
C GLY A 348 14.31 -0.91 4.11
N HIS A 349 13.86 -1.06 2.87
CA HIS A 349 12.93 -0.07 2.35
C HIS A 349 11.68 -0.05 3.23
N VAL A 350 10.98 1.09 3.21
CA VAL A 350 9.85 1.31 4.10
C VAL A 350 8.52 1.33 3.33
N GLY A 351 8.50 0.77 2.13
CA GLY A 351 7.26 0.73 1.35
C GLY A 351 6.17 -0.13 1.95
N PHE A 352 6.54 -1.08 2.81
CA PHE A 352 5.60 -1.86 3.61
C PHE A 352 5.57 -1.38 5.06
N GLY A 353 6.20 -0.26 5.38
CA GLY A 353 6.33 0.15 6.75
C GLY A 353 7.55 -0.47 7.41
N SER A 354 7.56 -0.41 8.74
CA SER A 354 8.67 -0.93 9.54
C SER A 354 8.22 -0.99 10.98
N GLY A 355 8.60 -2.06 11.68
CA GLY A 355 8.25 -2.18 13.08
C GLY A 355 6.95 -2.91 13.34
N VAL A 356 6.24 -2.52 14.40
CA VAL A 356 5.14 -3.37 14.87
C VAL A 356 3.96 -3.36 13.91
N HIS A 357 3.79 -2.30 13.12
CA HIS A 357 2.69 -2.20 12.17
C HIS A 357 3.10 -2.62 10.76
N MET A 358 4.33 -3.10 10.56
CA MET A 358 4.79 -3.42 9.21
C MET A 358 3.82 -4.37 8.54
N CYS A 359 3.50 -4.07 7.27
CA CYS A 359 2.39 -4.70 6.56
C CYS A 359 2.14 -6.16 6.92
N VAL A 360 1.01 -6.44 7.60
CA VAL A 360 0.72 -7.81 7.98
C VAL A 360 0.33 -8.66 6.77
N GLY A 361 -0.06 -8.03 5.67
CA GLY A 361 -0.40 -8.78 4.48
C GLY A 361 0.72 -8.86 3.46
N GLN A 362 1.96 -8.60 3.88
CA GLN A 362 3.05 -8.53 2.89
C GLN A 362 3.29 -9.84 2.17
N LEU A 363 2.99 -10.98 2.81
CA LEU A 363 3.18 -12.25 2.11
C LEU A 363 2.17 -12.43 0.98
N VAL A 364 0.95 -11.91 1.14
CA VAL A 364 -0.02 -11.95 0.05
C VAL A 364 0.43 -11.00 -1.06
N ALA A 365 0.83 -9.78 -0.69
CA ALA A 365 1.27 -8.81 -1.69
C ALA A 365 2.44 -9.35 -2.51
N ARG A 366 3.43 -9.93 -1.82
CA ARG A 366 4.60 -10.44 -2.52
C ARG A 366 4.27 -11.66 -3.36
N LEU A 367 3.36 -12.51 -2.89
CA LEU A 367 2.95 -13.67 -3.68
C LEU A 367 2.31 -13.23 -5.00
N GLU A 368 1.36 -12.30 -4.94
CA GLU A 368 0.72 -11.79 -6.14
C GLU A 368 1.74 -11.16 -7.07
N GLY A 369 2.59 -10.29 -6.54
CA GLY A 369 3.59 -9.64 -7.38
C GLY A 369 4.56 -10.62 -7.98
N GLU A 370 5.00 -11.62 -7.21
CA GLU A 370 5.94 -12.60 -7.72
C GLU A 370 5.33 -13.39 -8.88
N VAL A 371 4.13 -13.93 -8.69
CA VAL A 371 3.62 -14.83 -9.71
C VAL A 371 3.24 -14.05 -10.97
N MET A 372 2.83 -12.78 -10.84
CA MET A 372 2.56 -12.01 -12.04
C MET A 372 3.85 -11.69 -12.78
N LEU A 373 4.89 -11.25 -12.05
CA LEU A 373 6.14 -10.95 -12.74
C LEU A 373 6.79 -12.22 -13.30
N SER A 374 6.56 -13.38 -12.66
CA SER A 374 7.05 -14.63 -13.22
C SER A 374 6.38 -14.94 -14.55
N ALA A 375 5.06 -14.78 -14.60
CA ALA A 375 4.32 -14.99 -15.85
C ALA A 375 4.82 -14.07 -16.95
N LEU A 376 5.02 -12.78 -16.63
CA LEU A 376 5.56 -11.87 -17.62
C LEU A 376 6.96 -12.29 -18.06
N ALA A 377 7.80 -12.67 -17.10
CA ALA A 377 9.18 -13.05 -17.42
C ALA A 377 9.22 -14.23 -18.38
N ARG A 378 8.31 -15.17 -18.23
CA ARG A 378 8.34 -16.37 -19.06
C ARG A 378 7.61 -16.22 -20.38
N LYS A 379 6.66 -15.28 -20.47
CA LYS A 379 5.76 -15.24 -21.62
C LYS A 379 5.89 -14.00 -22.49
N VAL A 380 6.53 -12.94 -22.02
CA VAL A 380 6.51 -11.64 -22.70
C VAL A 380 7.93 -11.26 -23.08
N ALA A 381 8.11 -10.85 -24.34
CA ALA A 381 9.42 -10.40 -24.81
C ALA A 381 9.60 -8.89 -24.71
N ALA A 382 8.53 -8.13 -24.83
CA ALA A 382 8.63 -6.68 -24.79
C ALA A 382 7.35 -6.08 -24.25
N ILE A 383 7.50 -4.95 -23.56
CA ILE A 383 6.38 -4.16 -23.03
C ILE A 383 6.61 -2.72 -23.47
N ASP A 384 5.81 -2.25 -24.42
CA ASP A 384 6.01 -0.93 -25.02
C ASP A 384 4.80 -0.06 -24.76
N ILE A 385 5.02 1.07 -24.09
CA ILE A 385 3.95 2.05 -23.94
C ILE A 385 3.53 2.53 -25.32
N ASP A 386 2.23 2.48 -25.60
CA ASP A 386 1.76 2.84 -26.94
C ASP A 386 0.51 3.71 -26.89
N GLY A 387 0.39 4.54 -25.85
CA GLY A 387 -0.74 5.43 -25.70
C GLY A 387 -0.48 6.41 -24.58
N PRO A 388 -1.38 7.38 -24.41
CA PRO A 388 -1.20 8.37 -23.34
C PRO A 388 -1.26 7.71 -21.96
N VAL A 389 -0.30 8.03 -21.12
CA VAL A 389 -0.30 7.57 -19.73
C VAL A 389 -1.09 8.57 -18.90
N LYS A 390 -2.04 8.06 -18.13
CA LYS A 390 -2.92 8.91 -17.28
C LYS A 390 -2.69 8.54 -15.81
N ARG A 391 -2.37 9.51 -14.97
CA ARG A 391 -2.14 9.27 -13.55
C ARG A 391 -3.44 9.35 -12.77
N ARG A 392 -3.52 8.54 -11.70
CA ARG A 392 -4.64 8.53 -10.78
C ARG A 392 -4.22 9.28 -9.51
N PHE A 393 -5.10 10.15 -9.02
CA PHE A 393 -4.78 11.01 -7.90
C PHE A 393 -5.53 10.52 -6.66
N ASN A 394 -4.77 10.33 -5.57
CA ASN A 394 -5.31 9.82 -4.31
C ASN A 394 -4.44 10.37 -3.19
N ASN A 395 -5.05 10.70 -2.05
CA ASN A 395 -4.28 11.34 -0.98
C ASN A 395 -3.20 10.44 -0.39
N THR A 396 -3.30 9.13 -0.56
CA THR A 396 -2.31 8.21 -0.01
C THR A 396 -1.65 7.31 -1.06
N LEU A 397 -2.38 6.91 -2.11
CA LEU A 397 -1.85 5.98 -3.10
C LEU A 397 -1.26 6.72 -4.29
N ARG A 398 -0.12 6.20 -4.78
CA ARG A 398 0.49 6.67 -6.01
C ARG A 398 0.38 5.58 -7.07
N GLY A 399 -0.15 5.94 -8.23
CA GLY A 399 -0.31 4.95 -9.29
C GLY A 399 -1.01 5.57 -10.47
N LEU A 400 -1.25 4.73 -11.48
CA LEU A 400 -1.78 5.19 -12.76
C LEU A 400 -3.24 4.83 -12.93
N GLU A 401 -3.97 5.70 -13.64
CA GLU A 401 -5.31 5.39 -14.09
C GLU A 401 -5.30 4.52 -15.33
N SER A 402 -4.38 4.79 -16.26
CA SER A 402 -4.36 4.11 -17.54
C SER A 402 -2.92 3.99 -18.01
N LEU A 403 -2.54 2.80 -18.47
CA LEU A 403 -1.19 2.54 -18.96
C LEU A 403 -1.27 1.70 -20.23
N PRO A 404 -1.50 2.34 -21.38
CA PRO A 404 -1.61 1.56 -22.63
C PRO A 404 -0.27 0.97 -23.03
N VAL A 405 -0.23 -0.34 -23.22
CA VAL A 405 0.99 -1.03 -23.62
C VAL A 405 0.68 -2.03 -24.72
N LYS A 406 1.68 -2.31 -25.54
CA LYS A 406 1.68 -3.45 -26.44
C LYS A 406 2.56 -4.53 -25.83
N LEU A 407 2.02 -5.74 -25.70
CA LEU A 407 2.75 -6.90 -25.21
C LEU A 407 3.18 -7.74 -26.41
N THR A 408 4.49 -7.93 -26.58
CA THR A 408 4.98 -8.84 -27.59
C THR A 408 5.27 -10.20 -26.98
N PRO A 409 4.77 -11.29 -27.55
CA PRO A 409 5.01 -12.61 -26.96
C PRO A 409 6.47 -13.06 -27.15
N ALA A 410 6.93 -13.85 -26.18
CA ALA A 410 8.27 -14.40 -26.21
C ALA A 410 8.41 -15.41 -27.35
C11 M4F B . -2.12 0.15 4.15
C01 M4F B . -6.56 0.23 6.02
C02 M4F B . -5.60 0.68 5.14
C03 M4F B . -4.29 0.23 5.24
C04 M4F B . -3.94 -0.68 6.24
C05 M4F B . -4.92 -1.14 7.12
C06 M4F B . -6.22 -0.69 7.00
C07 M4F B . -7.29 -1.17 7.97
F12 M4F B . -2.26 -1.16 3.81
F13 M4F B . -1.51 0.82 3.14
F14 M4F B . -1.37 0.27 5.27
O08 M4F B . -6.95 -1.80 9.00
O09 M4F B . -8.50 -0.88 7.75
O10 M4F B . -3.37 0.75 4.33
CHA HEM C . 0.04 -2.18 6.99
CHB HEM C . 1.76 -1.05 2.56
CHC HEM C . -0.59 -4.94 0.79
CHD HEM C . -3.04 -5.35 4.95
C1A HEM C . 0.75 -1.58 5.98
C2A HEM C . 1.68 -0.47 6.13
C3A HEM C . 2.15 -0.17 4.91
C4A HEM C . 1.53 -1.06 3.93
CMA HEM C . 3.17 0.94 4.60
CAA HEM C . 2.10 0.23 7.45
CBA HEM C . 1.01 1.12 8.01
CGA HEM C . 1.51 1.94 9.17
O1A HEM C . 0.69 2.68 9.76
O2A HEM C . 2.72 1.85 9.53
C1B HEM C . 1.31 -2.04 1.69
C2B HEM C . 1.70 -2.22 0.31
C3B HEM C . 1.03 -3.29 -0.17
C4B HEM C . 0.22 -3.83 0.90
CMB HEM C . 2.68 -1.33 -0.46
CAB HEM C . 1.10 -3.94 -1.57
CBB HEM C . 2.10 -3.71 -2.44
C1C HEM C . -1.44 -5.42 1.75
C2C HEM C . -2.29 -6.59 1.67
C3C HEM C . -2.97 -6.70 2.81
C4C HEM C . -2.56 -5.61 3.67
CMC HEM C . -2.38 -7.53 0.43
CAC HEM C . -4.01 -7.77 3.25
CBC HEM C . -4.28 -8.85 2.52
C1D HEM C . -2.42 -4.51 5.85
C2D HEM C . -2.84 -4.29 7.22
C3D HEM C . -1.99 -3.42 7.80
C4D HEM C . -1.01 -3.05 6.80
CMD HEM C . -4.06 -4.98 7.88
CAD HEM C . -2.02 -2.90 9.25
CBD HEM C . -1.00 -3.72 10.04
CGD HEM C . -0.83 -3.19 11.44
O1D HEM C . -0.22 -3.90 12.28
O2D HEM C . -1.31 -2.06 11.72
NA HEM C . 0.68 -1.91 4.63
NB HEM C . 0.41 -3.04 2.01
NC HEM C . -1.63 -4.85 3.00
ND HEM C . -1.30 -3.73 5.63
FE HEM C . -0.24 -3.61 3.88
CL CL D . -16.77 1.18 6.51
#